data_6NT6
#
_entry.id   6NT6
#
_cell.length_a   1
_cell.length_b   1
_cell.length_c   1
_cell.angle_alpha   90.000
_cell.angle_beta   90.000
_cell.angle_gamma   90.000
#
_symmetry.space_group_name_H-M   'P 1'
#
_entity_poly.entity_id   1
_entity_poly.type   'polypeptide(L)'
_entity_poly.pdbx_seq_one_letter_code
;MPQDPSTRSSPARLLIPEPRAGRARHAACVLLAVCFVVLFLSGEPLAPIIRSVCTQLAALQLGVLLKGCCCLAEEIFHLH
SRHHGSLWQVLCSCFPPRWYLALLLVGGSAYLDPPEDNGHSPRLALTLSCLCQLLVLALGLQKLSAVEVSELTESSKKNV
AHGLAWSYYIGYLKVVLPRLKECMEELSRTNPMLRAHRDTWKLHILVPLGCDIWDDLEKADSNIQYLADLPETILTRAGI
KRRVYKHSLYVIRDKDNKLRPCVLEFASPLQTLCAMSQDDCAAFSREQRLEQARLFYRSLRDILGSSKECAGLYRLIAYE
EPAEPESHFLSGLILWHLQQQQREEYMVQEELPLGTSSVELSLQVSSSDLPQPLRSDCPGIHRPDYKDDDDK
;
_entity_poly.pdbx_strand_id   A,B
#
# COMPACT_ATOMS: atom_id res chain seq x y z
N PRO A 11 -32.72 0.98 -10.73
CA PRO A 11 -31.53 1.82 -10.79
C PRO A 11 -30.30 1.04 -11.22
N ALA A 12 -29.23 1.14 -10.44
CA ALA A 12 -28.04 0.33 -10.64
C ALA A 12 -27.52 -0.09 -9.27
N ARG A 13 -27.62 -1.38 -8.97
CA ARG A 13 -27.14 -1.88 -7.69
C ARG A 13 -25.61 -1.90 -7.70
N LEU A 14 -25.02 -1.42 -6.60
CA LEU A 14 -23.58 -1.36 -6.51
C LEU A 14 -23.00 -2.75 -6.24
N LEU A 15 -21.88 -3.05 -6.88
CA LEU A 15 -21.16 -4.30 -6.67
C LEU A 15 -19.76 -3.95 -6.22
N ILE A 16 -19.60 -3.80 -4.91
CA ILE A 16 -18.28 -3.55 -4.33
C ILE A 16 -17.87 -4.80 -3.56
N PRO A 17 -16.58 -5.11 -3.48
CA PRO A 17 -16.14 -6.20 -2.62
C PRO A 17 -16.28 -5.82 -1.15
N GLU A 18 -16.36 -6.84 -0.33
CA GLU A 18 -16.43 -6.66 1.10
C GLU A 18 -15.18 -7.21 1.77
N PRO A 19 -14.90 -6.85 3.02
CA PRO A 19 -13.79 -7.47 3.75
C PRO A 19 -14.01 -8.96 3.96
N ARG A 20 -12.88 -9.66 4.13
CA ARG A 20 -12.92 -11.11 4.29
C ARG A 20 -13.49 -11.48 5.65
N ALA A 21 -14.45 -12.41 5.66
CA ALA A 21 -15.05 -12.85 6.90
C ALA A 21 -14.13 -13.75 7.71
N GLY A 22 -13.16 -14.40 7.07
CA GLY A 22 -12.27 -15.28 7.78
C GLY A 22 -12.91 -16.61 8.12
N ARG A 23 -13.27 -17.37 7.09
CA ARG A 23 -13.88 -18.68 7.27
C ARG A 23 -12.99 -19.81 6.77
N ALA A 24 -11.84 -19.50 6.18
CA ALA A 24 -10.92 -20.55 5.76
C ALA A 24 -10.28 -21.23 6.95
N ARG A 25 -10.08 -20.50 8.04
CA ARG A 25 -9.49 -21.08 9.24
C ARG A 25 -10.44 -22.08 9.89
N HIS A 26 -11.73 -21.75 9.97
CA HIS A 26 -12.70 -22.69 10.49
C HIS A 26 -12.91 -23.87 9.56
N ALA A 27 -12.77 -23.67 8.24
CA ALA A 27 -12.89 -24.79 7.31
C ALA A 27 -11.73 -25.76 7.45
N ALA A 28 -10.51 -25.21 7.64
CA ALA A 28 -9.36 -26.06 7.91
C ALA A 28 -9.50 -26.79 9.24
N CYS A 29 -10.10 -26.12 10.24
CA CYS A 29 -10.35 -26.77 11.53
C CYS A 29 -11.33 -27.93 11.40
N VAL A 30 -12.39 -27.75 10.60
CA VAL A 30 -13.36 -28.82 10.39
C VAL A 30 -12.73 -29.99 9.64
N LEU A 31 -11.89 -29.68 8.63
CA LEU A 31 -11.20 -30.74 7.90
C LEU A 31 -10.22 -31.50 8.79
N LEU A 32 -9.57 -30.79 9.71
CA LEU A 32 -8.68 -31.43 10.68
C LEU A 32 -9.45 -32.34 11.61
N ALA A 33 -10.61 -31.90 12.10
CA ALA A 33 -11.40 -32.72 13.01
C ALA A 33 -11.95 -33.96 12.32
N VAL A 34 -12.33 -33.84 11.05
CA VAL A 34 -12.84 -34.98 10.29
C VAL A 34 -11.74 -36.01 10.05
N CYS A 35 -10.56 -35.56 9.59
CA CYS A 35 -9.47 -36.48 9.38
C CYS A 35 -8.97 -37.09 10.69
N PHE A 36 -9.05 -36.33 11.78
CA PHE A 36 -8.66 -36.81 13.09
C PHE A 36 -9.60 -37.91 13.58
N VAL A 37 -10.90 -37.75 13.35
CA VAL A 37 -11.87 -38.77 13.77
C VAL A 37 -11.73 -40.02 12.90
N VAL A 38 -11.51 -39.84 11.59
CA VAL A 38 -11.38 -40.99 10.70
C VAL A 38 -10.10 -41.78 10.99
N LEU A 39 -8.98 -41.10 11.23
CA LEU A 39 -7.77 -41.81 11.58
C LEU A 39 -7.79 -42.33 13.01
N PHE A 40 -8.62 -41.75 13.88
CA PHE A 40 -8.74 -42.27 15.24
C PHE A 40 -9.47 -43.60 15.27
N LEU A 41 -10.42 -43.79 14.36
CA LEU A 41 -11.26 -44.97 14.35
C LEU A 41 -10.50 -46.20 13.85
N ALA A 47 -1.10 -43.96 19.85
CA ALA A 47 -0.28 -43.67 21.02
C ALA A 47 1.23 -43.35 20.77
N PRO A 48 1.93 -44.01 19.82
CA PRO A 48 3.26 -43.52 19.46
C PRO A 48 3.29 -42.60 18.25
N ILE A 49 2.16 -42.42 17.55
CA ILE A 49 2.14 -41.66 16.32
C ILE A 49 2.29 -40.17 16.58
N ILE A 50 2.02 -39.72 17.80
CA ILE A 50 2.11 -38.31 18.13
C ILE A 50 3.57 -37.89 18.26
N ARG A 51 4.47 -38.83 18.59
CA ARG A 51 5.90 -38.56 18.53
C ARG A 51 6.34 -38.26 17.10
N SER A 52 5.83 -39.05 16.15
CA SER A 52 6.13 -38.81 14.73
C SER A 52 5.56 -37.47 14.29
N VAL A 53 4.37 -37.14 14.78
CA VAL A 53 3.73 -35.86 14.45
C VAL A 53 4.56 -34.69 14.97
N CYS A 54 5.02 -34.78 16.22
CA CYS A 54 5.78 -33.68 16.81
C CYS A 54 7.15 -33.53 16.16
N THR A 55 7.79 -34.65 15.79
CA THR A 55 9.08 -34.56 15.13
C THR A 55 8.94 -33.97 13.73
N GLN A 56 7.89 -34.36 13.01
CA GLN A 56 7.61 -33.74 11.72
C GLN A 56 7.30 -32.26 11.88
N LEU A 57 6.63 -31.90 12.96
CA LEU A 57 6.27 -30.50 13.19
C LEU A 57 7.51 -29.65 13.44
N ALA A 58 8.45 -30.18 14.22
CA ALA A 58 9.72 -29.48 14.41
C ALA A 58 10.53 -29.44 13.13
N ALA A 59 10.40 -30.48 12.30
CA ALA A 59 11.06 -30.48 10.99
C ALA A 59 10.53 -29.38 10.09
N LEU A 60 9.23 -29.10 10.15
CA LEU A 60 8.72 -27.97 9.40
C LEU A 60 9.11 -26.64 10.04
N GLN A 61 9.14 -26.58 11.36
CA GLN A 61 9.40 -25.31 12.03
C GLN A 61 10.85 -24.90 11.99
N LEU A 62 11.77 -25.81 11.65
CA LEU A 62 13.18 -25.44 11.53
C LEU A 62 13.45 -24.49 10.36
N GLY A 63 12.58 -24.51 9.34
CA GLY A 63 12.71 -23.58 8.24
C GLY A 63 12.49 -22.14 8.66
N VAL A 64 11.72 -21.92 9.72
CA VAL A 64 11.56 -20.58 10.28
C VAL A 64 12.89 -20.09 10.83
N LEU A 65 13.64 -20.97 11.47
CA LEU A 65 14.95 -20.60 12.01
C LEU A 65 15.95 -20.31 10.89
N LEU A 66 15.93 -21.13 9.84
CA LEU A 66 16.83 -20.87 8.71
C LEU A 66 16.45 -19.60 7.97
N LYS A 67 15.15 -19.34 7.84
CA LYS A 67 14.68 -18.09 7.25
C LYS A 67 15.06 -16.89 8.09
N GLY A 68 15.06 -17.05 9.42
CA GLY A 68 15.53 -15.97 10.29
C GLY A 68 17.01 -15.70 10.14
N CYS A 69 17.80 -16.76 9.94
CA CYS A 69 19.23 -16.56 9.67
C CYS A 69 19.46 -15.81 8.37
N CYS A 70 18.69 -16.16 7.33
CA CYS A 70 18.84 -15.47 6.06
C CYS A 70 18.37 -14.01 6.14
N CYS A 71 17.32 -13.77 6.93
CA CYS A 71 16.84 -12.41 7.14
C CYS A 71 17.87 -11.57 7.90
N LEU A 72 18.58 -12.19 8.85
CA LEU A 72 19.68 -11.51 9.53
C LEU A 72 20.79 -11.17 8.57
N ALA A 73 21.13 -12.11 7.68
CA ALA A 73 22.19 -11.89 6.71
C ALA A 73 21.86 -10.76 5.74
N GLU A 74 20.59 -10.59 5.40
CA GLU A 74 20.24 -9.44 4.56
C GLU A 74 20.19 -8.15 5.38
N GLU A 75 19.66 -8.21 6.59
CA GLU A 75 19.47 -7.02 7.40
C GLU A 75 20.73 -6.60 8.16
N ILE A 76 21.88 -7.20 7.86
CA ILE A 76 23.16 -6.69 8.36
C ILE A 76 23.35 -5.22 7.99
N PHE A 77 23.18 -4.87 6.71
CA PHE A 77 23.69 -3.61 6.17
C PHE A 77 22.94 -2.38 6.65
N HIS A 78 21.82 -2.52 7.35
CA HIS A 78 20.95 -1.40 7.66
C HIS A 78 20.80 -1.17 9.16
N LEU A 79 21.85 -1.47 9.94
CA LEU A 79 21.77 -1.27 11.39
C LEU A 79 21.73 0.22 11.72
N HIS A 80 22.76 0.96 11.33
CA HIS A 80 22.83 2.37 11.64
C HIS A 80 21.89 3.22 10.81
N SER A 81 21.27 2.65 9.78
CA SER A 81 20.39 3.42 8.90
C SER A 81 18.91 3.09 9.08
N ARG A 82 18.57 1.93 9.59
CA ARG A 82 17.16 1.61 9.70
C ARG A 82 16.77 1.06 11.06
N HIS A 83 17.72 0.50 11.81
CA HIS A 83 17.41 -0.18 13.05
C HIS A 83 18.14 0.39 14.26
N HIS A 84 19.00 1.40 14.07
CA HIS A 84 19.75 2.09 15.13
C HIS A 84 20.60 1.16 16.00
N LEU A 87 20.41 -2.62 17.75
CA LEU A 87 20.77 -4.02 17.56
C LEU A 87 19.60 -4.93 17.91
N TRP A 88 18.86 -4.57 18.95
CA TRP A 88 17.67 -5.31 19.34
C TRP A 88 16.60 -5.22 18.27
N GLN A 89 16.53 -4.09 17.55
CA GLN A 89 15.55 -3.91 16.50
C GLN A 89 15.82 -4.79 15.29
N VAL A 90 17.05 -5.24 15.09
CA VAL A 90 17.35 -6.20 14.04
C VAL A 90 16.78 -7.56 14.40
N LEU A 91 17.10 -8.05 15.59
CA LEU A 91 16.73 -9.39 16.00
C LEU A 91 15.22 -9.50 16.25
N CYS A 92 14.61 -8.40 16.70
CA CYS A 92 13.17 -8.39 16.87
C CYS A 92 12.44 -8.45 15.55
N SER A 93 13.04 -7.94 14.48
CA SER A 93 12.37 -7.83 13.20
C SER A 93 12.68 -8.99 12.24
N CYS A 94 13.78 -9.71 12.46
CA CYS A 94 14.13 -10.78 11.51
C CYS A 94 13.22 -11.99 11.63
N PHE A 95 13.22 -12.67 12.79
CA PHE A 95 12.33 -13.82 12.81
C PHE A 95 10.96 -13.42 13.35
N PRO A 96 9.92 -14.19 13.05
CA PRO A 96 8.60 -13.88 13.58
C PRO A 96 8.58 -13.96 15.10
N PRO A 97 7.65 -13.24 15.75
CA PRO A 97 7.67 -13.16 17.22
C PRO A 97 7.28 -14.45 17.94
N ARG A 98 6.96 -15.52 17.22
CA ARG A 98 6.84 -16.84 17.83
C ARG A 98 8.23 -17.47 17.89
N TRP A 99 9.04 -16.94 18.79
CA TRP A 99 10.40 -17.39 18.98
C TRP A 99 10.49 -18.57 19.93
N TYR A 100 9.60 -18.66 20.91
CA TYR A 100 9.63 -19.72 21.90
C TYR A 100 9.13 -21.06 21.35
N LEU A 101 8.61 -21.08 20.13
CA LEU A 101 8.08 -22.33 19.58
C LEU A 101 9.19 -23.18 18.99
N ALA A 102 10.10 -22.54 18.25
CA ALA A 102 11.00 -23.27 17.34
C ALA A 102 12.06 -24.06 18.09
N LEU A 103 12.80 -23.40 18.98
CA LEU A 103 13.85 -24.09 19.73
C LEU A 103 13.26 -25.10 20.71
N LEU A 104 12.08 -24.82 21.26
CA LEU A 104 11.41 -25.77 22.14
C LEU A 104 11.01 -27.03 21.41
N LEU A 105 10.46 -26.89 20.18
CA LEU A 105 10.11 -28.07 19.41
C LEU A 105 11.35 -28.81 18.91
N VAL A 106 12.43 -28.08 18.65
CA VAL A 106 13.70 -28.73 18.28
C VAL A 106 14.22 -29.57 19.43
N GLY A 107 14.14 -29.02 20.66
CA GLY A 107 14.55 -29.78 21.83
C GLY A 107 13.64 -30.94 22.15
N GLY A 108 12.34 -30.80 21.87
CA GLY A 108 11.43 -31.91 22.05
C GLY A 108 11.61 -33.01 21.02
N SER A 109 12.06 -32.64 19.82
CA SER A 109 12.30 -33.65 18.78
C SER A 109 13.64 -34.36 18.98
N ALA A 110 14.67 -33.60 19.36
CA ALA A 110 16.01 -34.18 19.48
C ALA A 110 16.11 -35.09 20.70
N TYR A 111 15.74 -34.57 21.87
CA TYR A 111 15.78 -35.35 23.09
C TYR A 111 14.44 -36.04 23.35
N LEU A 126 16.27 -34.08 10.69
CA LEU A 126 17.65 -33.95 11.16
C LEU A 126 18.40 -32.91 10.34
N THR A 127 19.68 -33.16 10.11
CA THR A 127 20.46 -32.28 9.24
C THR A 127 19.99 -32.40 7.79
N LEU A 128 19.46 -33.57 7.44
CA LEU A 128 18.84 -33.75 6.13
C LEU A 128 17.62 -32.85 5.99
N SER A 129 16.88 -32.63 7.09
CA SER A 129 15.75 -31.70 7.05
C SER A 129 16.22 -30.27 6.85
N CYS A 130 17.38 -29.91 7.41
CA CYS A 130 17.95 -28.60 7.16
C CYS A 130 18.35 -28.44 5.70
N LEU A 131 18.92 -29.50 5.13
CA LEU A 131 19.25 -29.49 3.70
C LEU A 131 18.01 -29.35 2.84
N CYS A 132 16.93 -29.99 3.27
CA CYS A 132 15.65 -29.88 2.56
C CYS A 132 15.08 -28.48 2.64
N GLN A 133 15.16 -27.85 3.82
CA GLN A 133 14.66 -26.49 3.99
C GLN A 133 15.48 -25.50 3.17
N LEU A 134 16.79 -25.72 3.08
CA LEU A 134 17.63 -24.87 2.25
C LEU A 134 17.29 -25.03 0.78
N LEU A 135 17.03 -26.26 0.34
CA LEU A 135 16.62 -26.48 -1.04
C LEU A 135 15.26 -25.86 -1.32
N VAL A 136 14.40 -25.79 -0.31
CA VAL A 136 13.11 -25.12 -0.48
C VAL A 136 13.33 -23.62 -0.65
N LEU A 137 14.04 -23.00 0.29
CA LEU A 137 14.09 -21.55 0.34
C LEU A 137 15.02 -20.96 -0.71
N ALA A 138 15.99 -21.71 -1.21
CA ALA A 138 16.91 -21.14 -2.18
C ALA A 138 16.32 -21.08 -3.57
N LEU A 139 15.50 -22.06 -3.94
CA LEU A 139 15.01 -22.13 -5.30
C LEU A 139 13.92 -21.10 -5.56
N GLY A 140 13.08 -20.82 -4.57
CA GLY A 140 12.03 -19.85 -4.77
C GLY A 140 10.73 -20.47 -5.25
N LEU A 141 10.24 -21.46 -4.50
CA LEU A 141 8.97 -22.10 -4.81
C LEU A 141 7.85 -21.67 -3.86
N GLN A 142 8.15 -20.82 -2.88
CA GLN A 142 7.14 -20.30 -1.97
C GLN A 142 6.58 -18.98 -2.53
N LYS A 143 5.93 -19.09 -3.68
CA LYS A 143 5.25 -17.96 -4.26
C LYS A 143 3.99 -17.66 -3.44
N LEU A 144 3.78 -16.39 -3.13
CA LEU A 144 2.56 -15.99 -2.45
C LEU A 144 1.42 -15.93 -3.45
N SER A 145 0.25 -16.43 -3.03
CA SER A 145 -0.89 -16.50 -3.93
C SER A 145 -1.52 -15.13 -4.09
N ALA A 146 -2.47 -15.05 -5.04
CA ALA A 146 -3.12 -13.78 -5.32
C ALA A 146 -4.02 -13.35 -4.18
N VAL A 147 -4.65 -14.30 -3.49
CA VAL A 147 -5.56 -13.96 -2.40
C VAL A 147 -4.78 -13.43 -1.20
N GLU A 148 -3.57 -13.95 -0.97
CA GLU A 148 -2.76 -13.46 0.14
C GLU A 148 -2.23 -12.06 -0.14
N VAL A 149 -1.84 -11.79 -1.39
CA VAL A 149 -1.36 -10.48 -1.78
C VAL A 149 -2.48 -9.46 -1.70
N SER A 150 -3.68 -9.82 -2.17
CA SER A 150 -4.84 -8.94 -2.08
C SER A 150 -5.25 -8.72 -0.62
N GLU A 151 -5.09 -9.72 0.23
CA GLU A 151 -5.40 -9.56 1.64
C GLU A 151 -4.43 -8.61 2.31
N LEU A 152 -3.15 -8.68 1.94
CA LEU A 152 -2.18 -7.75 2.49
C LEU A 152 -2.35 -6.34 1.95
N THR A 153 -2.87 -6.21 0.73
CA THR A 153 -3.16 -4.89 0.19
C THR A 153 -4.35 -4.25 0.90
N GLU A 154 -5.47 -4.99 1.00
CA GLU A 154 -6.65 -4.47 1.65
C GLU A 154 -6.50 -4.35 3.16
N SER A 155 -5.54 -5.06 3.75
CA SER A 155 -5.40 -5.04 5.20
C SER A 155 -4.76 -3.75 5.70
N SER A 156 -3.55 -3.46 5.23
CA SER A 156 -2.77 -2.36 5.76
C SER A 156 -3.30 -1.03 5.22
N LYS A 157 -3.55 -0.09 6.13
CA LYS A 157 -3.87 1.28 5.76
C LYS A 157 -2.66 2.20 5.83
N LYS A 158 -1.49 1.66 6.14
CA LYS A 158 -0.27 2.47 6.25
C LYS A 158 0.55 2.39 4.97
N ASN A 159 -0.06 2.83 3.88
CA ASN A 159 0.62 2.95 2.59
C ASN A 159 0.30 4.28 1.96
N VAL A 160 0.30 5.34 2.79
CA VAL A 160 -0.21 6.62 2.37
C VAL A 160 0.79 7.33 1.45
N ALA A 161 2.05 6.88 1.46
CA ALA A 161 3.12 7.62 0.81
C ALA A 161 3.01 7.56 -0.71
N HIS A 162 2.68 6.40 -1.26
CA HIS A 162 2.64 6.26 -2.72
C HIS A 162 1.51 7.07 -3.32
N GLY A 163 0.33 7.03 -2.68
CA GLY A 163 -0.78 7.82 -3.14
C GLY A 163 -0.53 9.31 -2.98
N LEU A 164 0.12 9.70 -1.88
CA LEU A 164 0.45 11.12 -1.70
C LEU A 164 1.46 11.59 -2.72
N ALA A 165 2.44 10.75 -3.07
CA ALA A 165 3.45 11.15 -4.05
C ALA A 165 2.85 11.27 -5.43
N TRP A 166 1.96 10.35 -5.80
CA TRP A 166 1.36 10.45 -7.12
C TRP A 166 0.37 11.61 -7.20
N SER A 167 -0.32 11.92 -6.10
CA SER A 167 -1.20 13.07 -6.10
C SER A 167 -0.42 14.37 -6.18
N TYR A 168 0.73 14.43 -5.52
CA TYR A 168 1.54 15.64 -5.58
C TYR A 168 2.26 15.75 -6.91
N TYR A 169 2.50 14.64 -7.59
CA TYR A 169 3.14 14.74 -8.90
C TYR A 169 2.15 15.19 -9.96
N ILE A 170 1.00 14.52 -10.02
CA ILE A 170 0.08 14.76 -11.13
C ILE A 170 -0.67 16.07 -10.94
N GLY A 171 -1.24 16.28 -9.74
CA GLY A 171 -2.13 17.40 -9.54
C GLY A 171 -1.43 18.75 -9.49
N TYR A 172 -0.13 18.76 -9.18
CA TYR A 172 0.59 20.02 -9.02
C TYR A 172 1.77 20.17 -9.95
N LEU A 173 2.65 19.18 -10.01
CA LEU A 173 3.98 19.41 -10.59
C LEU A 173 3.95 19.39 -12.11
N LYS A 174 3.13 18.52 -12.70
CA LYS A 174 3.15 18.35 -14.14
C LYS A 174 2.57 19.54 -14.88
N VAL A 175 1.80 20.38 -14.19
CA VAL A 175 1.28 21.60 -14.78
C VAL A 175 2.17 22.80 -14.44
N VAL A 176 2.65 22.89 -13.21
CA VAL A 176 3.41 24.05 -12.77
C VAL A 176 4.79 24.07 -13.39
N LEU A 177 5.46 22.92 -13.39
CA LEU A 177 6.85 22.86 -13.82
C LEU A 177 7.16 23.24 -15.27
N PRO A 178 6.35 22.91 -16.31
CA PRO A 178 6.74 23.37 -17.65
C PRO A 178 6.61 24.87 -17.85
N ARG A 179 5.67 25.52 -17.17
CA ARG A 179 5.49 26.95 -17.35
C ARG A 179 6.48 27.78 -16.57
N LEU A 180 7.28 27.17 -15.70
CA LEU A 180 8.10 27.93 -14.78
C LEU A 180 9.30 28.55 -15.47
N LYS A 181 9.88 27.85 -16.45
CA LYS A 181 10.98 28.45 -17.20
C LYS A 181 10.50 29.59 -18.08
N GLU A 182 9.26 29.50 -18.57
CA GLU A 182 8.67 30.61 -19.32
C GLU A 182 8.42 31.81 -18.41
N CYS A 183 7.96 31.56 -17.18
CA CYS A 183 7.80 32.65 -16.22
C CYS A 183 9.13 33.25 -15.83
N MET A 184 10.17 32.42 -15.74
CA MET A 184 11.51 32.90 -15.44
C MET A 184 12.06 33.77 -16.55
N GLU A 185 11.85 33.38 -17.81
CA GLU A 185 12.23 34.23 -18.92
C GLU A 185 11.38 35.48 -19.02
N GLU A 186 10.12 35.43 -18.56
CA GLU A 186 9.28 36.61 -18.56
C GLU A 186 9.69 37.58 -17.46
N LEU A 187 10.24 37.07 -16.36
CA LEU A 187 10.72 37.95 -15.29
C LEU A 187 11.99 38.67 -15.70
N SER A 188 12.75 38.10 -16.63
CA SER A 188 13.96 38.73 -17.12
C SER A 188 13.64 39.81 -18.14
N TRP A 201 16.94 29.70 -13.48
CA TRP A 201 17.18 28.68 -12.46
C TRP A 201 16.09 27.60 -12.49
N LYS A 202 15.88 26.94 -11.35
CA LYS A 202 14.92 25.85 -11.27
C LYS A 202 14.24 25.87 -9.92
N LEU A 203 13.12 25.17 -9.84
CA LEU A 203 12.32 25.14 -8.62
C LEU A 203 13.00 24.32 -7.53
N HIS A 204 12.84 24.75 -6.28
CA HIS A 204 13.38 24.04 -5.13
C HIS A 204 12.23 23.60 -4.25
N ILE A 205 12.19 22.30 -3.96
CA ILE A 205 11.15 21.70 -3.13
C ILE A 205 11.78 21.34 -1.80
N LEU A 206 11.23 21.87 -0.71
CA LEU A 206 11.68 21.50 0.61
C LEU A 206 11.01 20.22 1.05
N VAL A 207 11.81 19.27 1.50
CA VAL A 207 11.26 18.02 2.03
C VAL A 207 11.69 17.89 3.49
N PRO A 208 10.96 18.48 4.44
CA PRO A 208 11.31 18.26 5.84
C PRO A 208 10.75 16.94 6.32
N LEU A 209 11.63 16.13 6.91
CA LEU A 209 11.21 14.87 7.49
C LEU A 209 10.81 15.00 8.95
N GLY A 210 10.70 16.23 9.44
CA GLY A 210 10.23 16.48 10.79
C GLY A 210 8.72 16.58 10.83
N CYS A 211 8.21 17.55 11.57
CA CYS A 211 6.77 17.67 11.74
C CYS A 211 6.24 19.06 11.42
N ASP A 212 6.97 20.11 11.79
CA ASP A 212 6.46 21.47 11.66
C ASP A 212 6.69 21.97 10.25
N ILE A 213 5.59 22.28 9.55
CA ILE A 213 5.66 22.83 8.21
C ILE A 213 5.31 24.31 8.20
N TRP A 214 4.50 24.78 9.15
CA TRP A 214 4.00 26.14 9.20
C TRP A 214 5.07 27.19 9.48
N ASP A 215 6.31 26.78 9.72
CA ASP A 215 7.43 27.71 9.79
C ASP A 215 7.63 28.37 8.43
N ASP A 216 7.25 29.64 8.33
CA ASP A 216 7.45 30.39 7.10
C ASP A 216 8.94 30.62 6.87
N LEU A 217 9.32 30.73 5.59
CA LEU A 217 10.72 30.79 5.24
C LEU A 217 11.35 32.12 5.62
N GLU A 218 10.58 33.21 5.60
CA GLU A 218 11.07 34.44 6.19
C GLU A 218 11.03 34.38 7.72
N LYS A 219 10.19 33.52 8.30
CA LYS A 219 10.05 33.44 9.74
C LYS A 219 11.00 32.42 10.36
N ALA A 220 11.19 31.28 9.72
CA ALA A 220 12.10 30.27 10.25
C ALA A 220 13.55 30.68 10.03
N ASP A 221 13.93 30.87 8.77
CA ASP A 221 15.26 31.33 8.45
C ASP A 221 15.30 32.85 8.42
N SER A 222 16.36 33.42 8.98
CA SER A 222 16.50 34.86 9.07
C SER A 222 17.02 35.49 7.80
N ASN A 223 17.91 34.82 7.08
CA ASN A 223 18.55 35.43 5.92
C ASN A 223 17.66 35.45 4.68
N ILE A 224 16.51 34.79 4.72
CA ILE A 224 15.60 34.74 3.58
C ILE A 224 14.83 36.04 3.51
N GLN A 225 14.87 36.69 2.35
CA GLN A 225 14.14 37.91 2.08
C GLN A 225 13.26 37.66 0.86
N TYR A 226 11.98 38.03 0.96
CA TYR A 226 11.05 37.86 -0.14
C TYR A 226 11.33 38.89 -1.23
N LEU A 227 11.15 38.48 -2.49
CA LEU A 227 11.35 39.40 -3.59
C LEU A 227 10.05 39.68 -4.37
N ALA A 228 9.43 38.68 -4.97
CA ALA A 228 8.36 38.92 -5.95
C ALA A 228 7.62 37.60 -6.20
N ASP A 229 6.65 37.66 -7.11
CA ASP A 229 5.87 36.51 -7.55
C ASP A 229 6.03 36.32 -9.04
N LEU A 230 5.32 35.34 -9.59
CA LEU A 230 5.36 35.02 -11.02
C LEU A 230 3.99 34.56 -11.47
N PRO A 231 3.22 35.42 -12.17
CA PRO A 231 1.88 35.07 -12.64
C PRO A 231 1.88 34.07 -13.80
N TYR A 245 -1.38 29.52 -6.87
CA TYR A 245 -0.14 29.30 -7.58
C TYR A 245 0.94 30.26 -7.09
N LYS A 246 1.20 30.22 -5.79
CA LYS A 246 2.19 31.10 -5.19
C LYS A 246 3.59 30.63 -5.54
N HIS A 247 4.45 31.59 -5.88
CA HIS A 247 5.83 31.30 -6.21
C HIS A 247 6.69 32.45 -5.69
N SER A 248 7.34 32.23 -4.55
CA SER A 248 7.98 33.28 -3.80
C SER A 248 9.47 33.26 -4.08
N LEU A 249 9.93 34.16 -4.95
CA LEU A 249 11.36 34.36 -5.15
C LEU A 249 12.00 34.88 -3.86
N TYR A 250 13.08 34.24 -3.46
CA TYR A 250 13.75 34.57 -2.21
C TYR A 250 15.22 34.90 -2.47
N VAL A 251 15.82 35.60 -1.52
CA VAL A 251 17.25 35.89 -1.54
C VAL A 251 17.79 35.63 -0.14
N ILE A 252 18.85 34.82 -0.07
CA ILE A 252 19.44 34.43 1.21
C ILE A 252 20.78 35.14 1.38
N ARG A 253 20.94 35.83 2.50
CA ARG A 253 22.19 36.50 2.80
C ARG A 253 23.22 35.51 3.32
N LEU A 259 24.11 35.68 0.08
CA LEU A 259 23.43 36.63 -0.80
C LEU A 259 23.23 36.04 -2.19
N ARG A 260 22.25 35.14 -2.31
CA ARG A 260 21.96 34.44 -3.54
C ARG A 260 20.46 34.33 -3.76
N PRO A 261 20.00 34.42 -5.00
CA PRO A 261 18.56 34.29 -5.27
C PRO A 261 18.16 32.85 -5.51
N CYS A 262 16.88 32.57 -5.27
CA CYS A 262 16.37 31.20 -5.27
C CYS A 262 14.87 31.21 -5.47
N VAL A 263 14.35 30.08 -5.95
CA VAL A 263 12.91 29.84 -6.09
C VAL A 263 12.57 28.67 -5.19
N LEU A 264 11.86 28.96 -4.10
CA LEU A 264 11.71 28.01 -3.00
C LEU A 264 10.24 27.75 -2.73
N GLU A 265 9.92 26.51 -2.39
CA GLU A 265 8.56 26.16 -2.01
C GLU A 265 8.61 24.93 -1.12
N PHE A 266 7.69 24.84 -0.16
CA PHE A 266 7.52 23.60 0.56
C PHE A 266 6.80 22.57 -0.29
N ALA A 267 6.90 21.31 0.14
CA ALA A 267 6.07 20.24 -0.37
C ALA A 267 4.81 20.23 0.47
N SER A 268 3.66 20.39 -0.20
CA SER A 268 2.38 20.47 0.50
C SER A 268 1.99 19.22 1.30
N PRO A 269 1.96 17.98 0.78
CA PRO A 269 1.16 16.94 1.44
C PRO A 269 1.75 16.42 2.74
N LEU A 270 2.94 16.86 3.13
CA LEU A 270 3.46 16.57 4.46
C LEU A 270 2.57 17.19 5.54
N GLN A 271 1.91 18.31 5.22
CA GLN A 271 0.90 18.85 6.12
C GLN A 271 -0.25 17.88 6.31
N THR A 272 -0.56 17.10 5.26
CA THR A 272 -1.45 15.95 5.39
C THR A 272 -0.94 15.00 6.47
N LEU A 273 0.35 14.67 6.40
CA LEU A 273 0.96 13.87 7.45
C LEU A 273 1.09 14.64 8.76
N CYS A 274 1.04 15.97 8.71
CA CYS A 274 0.94 16.74 9.94
C CYS A 274 -0.47 16.75 10.49
N ALA A 275 -1.47 16.44 9.67
CA ALA A 275 -2.83 16.45 10.13
C ALA A 275 -3.33 15.07 10.53
N MET A 276 -2.72 14.00 10.03
CA MET A 276 -3.11 12.66 10.46
C MET A 276 -2.58 12.31 11.84
N SER A 277 -1.71 13.16 12.42
CA SER A 277 -1.12 12.91 13.72
C SER A 277 -1.75 13.73 14.82
N GLN A 278 -1.80 15.05 14.68
CA GLN A 278 -2.25 15.93 15.76
C GLN A 278 -3.75 15.96 15.92
N ASP A 279 -4.51 15.65 14.88
CA ASP A 279 -5.96 15.60 15.01
C ASP A 279 -6.38 14.37 15.82
N ASP A 280 -5.83 13.21 15.47
CA ASP A 280 -6.02 11.93 16.16
C ASP A 280 -7.49 11.53 16.24
N CYS A 281 -8.16 11.58 15.09
CA CYS A 281 -9.46 10.94 14.98
C CYS A 281 -9.31 9.47 14.59
N ALA A 282 -8.23 9.13 13.90
CA ALA A 282 -7.82 7.76 13.68
C ALA A 282 -6.38 7.60 14.15
N ALA A 283 -6.02 6.36 14.48
CA ALA A 283 -4.76 6.07 15.17
C ALA A 283 -3.57 6.23 14.23
N PHE A 284 -2.53 6.91 14.71
CA PHE A 284 -1.31 7.15 13.95
C PHE A 284 -0.23 7.53 14.95
N SER A 285 1.03 7.23 14.63
CA SER A 285 2.13 7.52 15.53
C SER A 285 3.23 8.28 14.81
N ARG A 286 4.16 8.82 15.60
CA ARG A 286 5.18 9.71 15.06
C ARG A 286 6.27 8.95 14.34
N GLU A 287 6.62 7.76 14.83
CA GLU A 287 7.54 6.90 14.09
C GLU A 287 6.94 6.47 12.76
N GLN A 288 5.61 6.30 12.72
CA GLN A 288 4.95 6.06 11.45
C GLN A 288 4.99 7.30 10.56
N ARG A 289 4.90 8.49 11.16
CA ARG A 289 5.05 9.72 10.37
C ARG A 289 6.43 9.79 9.74
N LEU A 290 7.47 9.41 10.49
CA LEU A 290 8.82 9.46 9.95
C LEU A 290 9.02 8.43 8.83
N GLU A 291 8.52 7.21 9.05
CA GLU A 291 8.67 6.17 8.03
C GLU A 291 7.90 6.51 6.77
N GLN A 292 6.69 7.07 6.93
CA GLN A 292 5.91 7.46 5.77
C GLN A 292 6.52 8.65 5.04
N ALA A 293 7.18 9.56 5.77
CA ALA A 293 7.82 10.69 5.11
C ALA A 293 9.05 10.24 4.33
N ARG A 294 9.80 9.28 4.88
CA ARG A 294 10.94 8.71 4.17
C ARG A 294 10.49 7.98 2.92
N LEU A 295 9.40 7.22 3.02
CA LEU A 295 8.86 6.52 1.86
C LEU A 295 8.32 7.48 0.82
N PHE A 296 7.74 8.60 1.27
CA PHE A 296 7.24 9.61 0.33
C PHE A 296 8.38 10.28 -0.42
N TYR A 297 9.48 10.58 0.28
CA TYR A 297 10.63 11.16 -0.40
C TYR A 297 11.24 10.17 -1.38
N ARG A 298 11.28 8.88 -1.00
CA ARG A 298 11.79 7.85 -1.90
C ARG A 298 10.93 7.72 -3.15
N SER A 299 9.60 7.76 -2.98
CA SER A 299 8.72 7.61 -4.12
C SER A 299 8.76 8.82 -5.04
N LEU A 300 8.83 10.02 -4.46
CA LEU A 300 8.92 11.22 -5.29
C LEU A 300 10.24 11.29 -6.03
N ARG A 301 11.33 10.85 -5.38
CA ARG A 301 12.62 10.79 -6.05
C ARG A 301 12.60 9.79 -7.20
N ASP A 302 12.02 8.61 -6.98
CA ASP A 302 11.99 7.59 -8.02
C ASP A 302 11.10 8.01 -9.19
N ILE A 303 10.02 8.73 -8.91
CA ILE A 303 9.16 9.21 -9.99
C ILE A 303 9.87 10.29 -10.80
N LEU A 304 10.38 11.31 -10.11
CA LEU A 304 10.96 12.44 -10.82
C LEU A 304 12.31 12.14 -11.43
N GLY A 305 12.96 11.05 -11.03
CA GLY A 305 14.15 10.61 -11.76
C GLY A 305 13.81 10.07 -13.13
N SER A 306 12.60 9.55 -13.29
CA SER A 306 12.12 9.05 -14.57
C SER A 306 11.11 10.01 -15.18
N SER A 307 11.08 11.24 -14.69
CA SER A 307 10.19 12.26 -15.22
C SER A 307 10.68 12.67 -16.60
N LYS A 308 9.75 12.65 -17.57
CA LYS A 308 10.15 12.90 -18.95
C LYS A 308 10.44 14.36 -19.20
N GLU A 309 9.45 15.23 -18.99
CA GLU A 309 9.63 16.65 -19.24
C GLU A 309 10.23 17.40 -18.07
N CYS A 310 10.24 16.82 -16.88
CA CYS A 310 10.75 17.50 -15.71
C CYS A 310 12.19 17.13 -15.39
N ALA A 311 13.03 16.90 -16.39
CA ALA A 311 14.37 16.38 -16.15
C ALA A 311 15.30 17.43 -15.56
N GLY A 312 15.11 18.71 -15.86
CA GLY A 312 16.04 19.71 -15.38
C GLY A 312 15.38 20.94 -14.81
N LEU A 313 14.20 20.77 -14.23
CA LEU A 313 13.43 21.91 -13.73
C LEU A 313 13.30 21.90 -12.21
N TYR A 314 14.01 21.01 -11.52
CA TYR A 314 13.76 20.80 -10.11
C TYR A 314 15.02 20.29 -9.45
N ARG A 315 15.01 20.33 -8.12
CA ARG A 315 16.02 19.65 -7.31
C ARG A 315 15.46 19.45 -5.92
N LEU A 316 15.28 18.20 -5.53
CA LEU A 316 14.74 17.91 -4.20
C LEU A 316 15.78 18.14 -3.12
N ILE A 317 15.34 18.68 -2.00
CA ILE A 317 16.18 18.95 -0.85
C ILE A 317 15.52 18.34 0.36
N ALA A 318 16.17 17.34 0.95
CA ALA A 318 15.64 16.62 2.09
C ALA A 318 16.55 16.81 3.28
N TYR A 319 15.94 17.00 4.46
CA TYR A 319 16.72 17.25 5.66
C TYR A 319 15.97 16.74 6.86
N GLU A 320 16.55 16.97 8.04
CA GLU A 320 15.95 16.63 9.31
C GLU A 320 16.56 17.56 10.36
N GLU A 321 16.10 17.43 11.58
CA GLU A 321 16.54 18.30 12.66
C GLU A 321 16.80 17.51 13.93
N PHE A 329 21.54 26.42 11.45
CA PHE A 329 20.23 26.87 11.03
C PHE A 329 19.67 25.99 9.91
N LEU A 330 19.18 26.64 8.85
CA LEU A 330 18.61 25.96 7.70
C LEU A 330 19.12 26.48 6.37
N SER A 331 19.57 27.74 6.30
CA SER A 331 19.91 28.36 5.04
C SER A 331 21.23 27.84 4.47
N GLY A 332 22.10 27.34 5.33
CA GLY A 332 23.38 26.83 4.86
C GLY A 332 23.25 25.58 4.03
N LEU A 333 22.24 24.77 4.32
CA LEU A 333 21.93 23.62 3.47
C LEU A 333 21.52 24.06 2.08
N ILE A 334 20.75 25.14 2.01
CA ILE A 334 20.34 25.69 0.72
C ILE A 334 21.53 26.26 -0.01
N LEU A 335 22.46 26.85 0.73
CA LEU A 335 23.71 27.32 0.14
C LEU A 335 24.55 26.17 -0.39
N TRP A 336 24.58 25.05 0.32
CA TRP A 336 25.35 23.90 -0.15
C TRP A 336 24.73 23.29 -1.40
N HIS A 337 23.40 23.26 -1.46
CA HIS A 337 22.74 22.74 -2.66
C HIS A 337 22.94 23.68 -3.84
N LEU A 338 22.92 24.99 -3.60
CA LEU A 338 23.17 25.93 -4.67
C LEU A 338 24.62 25.86 -5.14
N GLN A 339 25.55 25.65 -4.21
CA GLN A 339 26.96 25.53 -4.60
C GLN A 339 27.20 24.24 -5.36
N GLN A 340 26.51 23.17 -4.98
CA GLN A 340 26.64 21.91 -5.70
C GLN A 340 26.02 22.00 -7.08
N GLN A 341 24.91 22.72 -7.22
CA GLN A 341 24.32 22.94 -8.53
C GLN A 341 25.21 23.84 -9.40
N GLN A 342 25.85 24.83 -8.78
CA GLN A 342 26.76 25.70 -9.51
C GLN A 342 28.00 24.95 -9.98
N ARG A 343 28.52 24.06 -9.13
CA ARG A 343 29.66 23.24 -9.54
C ARG A 343 29.25 22.20 -10.57
N GLU A 344 28.01 21.71 -10.51
CA GLU A 344 27.51 20.79 -11.52
C GLU A 344 27.27 21.50 -12.85
N GLU A 345 27.02 22.81 -12.81
CA GLU A 345 26.98 23.58 -14.04
C GLU A 345 28.36 23.68 -14.67
N TYR A 346 29.41 23.65 -13.84
CA TYR A 346 30.78 23.63 -14.34
C TYR A 346 31.23 22.19 -14.54
N PRO B 11 27.21 19.94 6.90
CA PRO B 11 25.76 20.09 6.73
C PRO B 11 25.00 19.04 7.52
N ALA B 12 24.10 18.33 6.86
CA ALA B 12 23.39 17.20 7.45
C ALA B 12 23.28 16.13 6.38
N ARG B 13 24.00 15.02 6.57
CA ARG B 13 23.93 13.92 5.61
C ARG B 13 22.59 13.19 5.75
N LEU B 14 21.97 12.91 4.62
CA LEU B 14 20.68 12.24 4.63
C LEU B 14 20.85 10.77 4.93
N LEU B 15 19.93 10.23 5.73
CA LEU B 15 19.90 8.82 6.07
C LEU B 15 18.54 8.28 5.64
N ILE B 16 18.48 7.84 4.38
CA ILE B 16 17.26 7.22 3.87
C ILE B 16 17.55 5.74 3.65
N PRO B 17 16.57 4.87 3.81
CA PRO B 17 16.78 3.47 3.44
C PRO B 17 16.89 3.29 1.94
N GLU B 18 17.51 2.22 1.55
CA GLU B 18 17.64 1.87 0.14
C GLU B 18 16.86 0.60 -0.16
N PRO B 19 16.58 0.31 -1.43
CA PRO B 19 15.97 -0.98 -1.78
C PRO B 19 16.86 -2.16 -1.44
N ARG B 20 16.22 -3.31 -1.25
CA ARG B 20 16.94 -4.52 -0.86
C ARG B 20 17.76 -5.05 -2.03
N ALA B 21 19.03 -5.34 -1.78
CA ALA B 21 19.89 -5.88 -2.82
C ALA B 21 19.58 -7.33 -3.16
N GLY B 22 18.97 -8.06 -2.24
CA GLY B 22 18.66 -9.46 -2.50
C GLY B 22 19.88 -10.35 -2.38
N ARG B 23 20.43 -10.42 -1.17
CA ARG B 23 21.60 -11.25 -0.91
C ARG B 23 21.29 -12.40 0.05
N ALA B 24 20.06 -12.47 0.58
CA ALA B 24 19.70 -13.59 1.43
C ALA B 24 19.58 -14.88 0.64
N ARG B 25 19.18 -14.77 -0.62
CA ARG B 25 19.06 -15.96 -1.47
C ARG B 25 20.43 -16.55 -1.78
N HIS B 26 21.40 -15.71 -2.08
CA HIS B 26 22.76 -16.21 -2.30
C HIS B 26 23.39 -16.73 -1.02
N ALA B 27 23.03 -16.15 0.13
CA ALA B 27 23.57 -16.65 1.40
C ALA B 27 22.99 -18.03 1.73
N ALA B 28 21.70 -18.23 1.45
CA ALA B 28 21.09 -19.54 1.61
C ALA B 28 21.70 -20.55 0.63
N CYS B 29 22.03 -20.10 -0.58
CA CYS B 29 22.68 -20.97 -1.56
C CYS B 29 24.06 -21.40 -1.09
N VAL B 30 24.84 -20.48 -0.52
CA VAL B 30 26.16 -20.81 0.00
C VAL B 30 26.06 -21.76 1.17
N LEU B 31 25.08 -21.55 2.07
CA LEU B 31 24.89 -22.45 3.20
C LEU B 31 24.48 -23.84 2.73
N LEU B 32 23.66 -23.91 1.68
CA LEU B 32 23.27 -25.19 1.08
C LEU B 32 24.48 -25.92 0.50
N ALA B 33 25.34 -25.19 -0.21
CA ALA B 33 26.51 -25.82 -0.82
C ALA B 33 27.49 -26.31 0.23
N VAL B 34 27.64 -25.57 1.34
CA VAL B 34 28.55 -25.97 2.41
C VAL B 34 28.02 -27.23 3.11
N CYS B 35 26.73 -27.25 3.46
CA CYS B 35 26.18 -28.43 4.09
C CYS B 35 26.15 -29.63 3.15
N PHE B 36 25.99 -29.37 1.85
CA PHE B 36 26.01 -30.42 0.85
C PHE B 36 27.39 -31.05 0.72
N VAL B 37 28.44 -30.23 0.76
CA VAL B 37 29.80 -30.75 0.67
C VAL B 37 30.17 -31.50 1.95
N VAL B 38 29.75 -31.00 3.11
CA VAL B 38 30.08 -31.64 4.38
C VAL B 38 29.35 -32.98 4.51
N LEU B 39 28.08 -33.04 4.14
CA LEU B 39 27.37 -34.32 4.17
C LEU B 39 27.79 -35.25 3.04
N PHE B 40 28.33 -34.71 1.94
CA PHE B 40 28.81 -35.57 0.87
C PHE B 40 30.08 -36.31 1.28
N LEU B 41 30.91 -35.68 2.09
CA LEU B 41 32.20 -36.24 2.48
C LEU B 41 32.04 -37.40 3.46
N ALA B 47 23.37 -42.18 -2.13
CA ALA B 47 22.62 -42.76 -3.25
C ALA B 47 21.13 -43.11 -3.00
N PRO B 48 20.72 -43.62 -1.83
CA PRO B 48 19.28 -43.71 -1.57
C PRO B 48 18.70 -42.55 -0.77
N ILE B 49 19.54 -41.63 -0.30
CA ILE B 49 19.08 -40.54 0.57
C ILE B 49 18.27 -39.51 -0.22
N ILE B 50 18.44 -39.46 -1.53
CA ILE B 50 17.73 -38.50 -2.36
C ILE B 50 16.27 -38.89 -2.50
N ARG B 51 15.97 -40.18 -2.38
CA ARG B 51 14.56 -40.61 -2.30
C ARG B 51 13.89 -40.05 -1.06
N SER B 52 14.59 -40.11 0.08
CA SER B 52 14.08 -39.53 1.31
C SER B 52 13.91 -38.03 1.19
N VAL B 53 14.86 -37.38 0.51
CA VAL B 53 14.80 -35.94 0.28
C VAL B 53 13.58 -35.57 -0.55
N CYS B 54 13.34 -36.30 -1.64
CA CYS B 54 12.23 -35.99 -2.53
C CYS B 54 10.89 -36.28 -1.87
N THR B 55 10.81 -37.34 -1.06
CA THR B 55 9.56 -37.64 -0.37
C THR B 55 9.26 -36.60 0.69
N GLN B 56 10.29 -36.14 1.41
CA GLN B 56 10.11 -35.04 2.36
C GLN B 56 9.72 -33.76 1.64
N LEU B 57 10.26 -33.55 0.44
CA LEU B 57 9.95 -32.34 -0.31
C LEU B 57 8.50 -32.33 -0.75
N ALA B 58 7.99 -33.48 -1.20
CA ALA B 58 6.57 -33.58 -1.54
C ALA B 58 5.71 -33.45 -0.28
N ALA B 59 6.21 -33.93 0.86
CA ALA B 59 5.49 -33.76 2.11
C ALA B 59 5.36 -32.30 2.51
N LEU B 60 6.38 -31.50 2.23
CA LEU B 60 6.21 -30.06 2.47
C LEU B 60 5.34 -29.41 1.41
N GLN B 61 5.42 -29.86 0.17
CA GLN B 61 4.68 -29.19 -0.89
C GLN B 61 3.19 -29.53 -0.89
N LEU B 62 2.77 -30.56 -0.16
CA LEU B 62 1.35 -30.89 -0.06
C LEU B 62 0.56 -29.82 0.69
N GLY B 63 1.22 -29.06 1.56
CA GLY B 63 0.55 -27.97 2.25
C GLY B 63 0.13 -26.86 1.32
N VAL B 64 0.82 -26.70 0.19
CA VAL B 64 0.40 -25.76 -0.84
C VAL B 64 -0.94 -26.18 -1.42
N LEU B 65 -1.13 -27.48 -1.63
CA LEU B 65 -2.40 -27.99 -2.15
C LEU B 65 -3.53 -27.81 -1.14
N LEU B 66 -3.24 -28.08 0.14
CA LEU B 66 -4.26 -27.89 1.16
C LEU B 66 -4.60 -26.40 1.35
N LYS B 67 -3.59 -25.54 1.26
CA LYS B 67 -3.81 -24.11 1.31
C LYS B 67 -4.63 -23.62 0.12
N GLY B 68 -4.41 -24.23 -1.06
CA GLY B 68 -5.22 -23.91 -2.21
C GLY B 68 -6.67 -24.33 -2.06
N CYS B 69 -6.90 -25.47 -1.40
CA CYS B 69 -8.28 -25.89 -1.11
C CYS B 69 -8.96 -24.91 -0.16
N CYS B 70 -8.24 -24.45 0.86
CA CYS B 70 -8.83 -23.50 1.80
C CYS B 70 -9.06 -22.15 1.14
N CYS B 71 -8.18 -21.75 0.23
CA CYS B 71 -8.36 -20.50 -0.51
C CYS B 71 -9.57 -20.58 -1.43
N LEU B 72 -9.81 -21.75 -2.02
CA LEU B 72 -11.02 -21.96 -2.82
C LEU B 72 -12.27 -21.86 -1.95
N ALA B 73 -12.21 -22.45 -0.75
CA ALA B 73 -13.36 -22.42 0.15
C ALA B 73 -13.69 -21.00 0.61
N GLU B 74 -12.67 -20.14 0.75
CA GLU B 74 -12.99 -18.75 1.07
C GLU B 74 -13.47 -17.99 -0.16
N GLU B 75 -12.84 -18.22 -1.31
CA GLU B 75 -13.14 -17.48 -2.53
C GLU B 75 -14.36 -18.01 -3.27
N ILE B 76 -15.13 -18.92 -2.68
CA ILE B 76 -16.45 -19.27 -3.21
C ILE B 76 -17.34 -18.05 -3.40
N PHE B 77 -17.46 -17.22 -2.35
CA PHE B 77 -18.56 -16.25 -2.28
C PHE B 77 -18.43 -15.08 -3.25
N HIS B 78 -17.30 -14.93 -3.93
CA HIS B 78 -17.01 -13.74 -4.71
C HIS B 78 -16.84 -14.03 -6.20
N LEU B 79 -17.54 -15.05 -6.72
CA LEU B 79 -17.42 -15.37 -8.13
C LEU B 79 -18.03 -14.27 -9.01
N HIS B 80 -19.32 -14.02 -8.82
CA HIS B 80 -20.01 -13.03 -9.63
C HIS B 80 -19.65 -11.60 -9.26
N SER B 81 -18.96 -11.39 -8.14
CA SER B 81 -18.63 -10.04 -7.69
C SER B 81 -17.16 -9.68 -7.85
N ARG B 82 -16.26 -10.64 -7.93
CA ARG B 82 -14.86 -10.28 -8.03
C ARG B 82 -14.12 -11.04 -9.12
N HIS B 83 -14.62 -12.21 -9.52
CA HIS B 83 -13.90 -13.06 -10.45
C HIS B 83 -14.68 -13.40 -11.72
N HIS B 84 -15.92 -12.91 -11.84
CA HIS B 84 -16.80 -13.08 -13.02
C HIS B 84 -17.02 -14.54 -13.40
N LEU B 87 -14.93 -18.15 -13.64
CA LEU B 87 -14.61 -19.37 -12.91
C LEU B 87 -13.13 -19.69 -13.00
N TRP B 88 -12.54 -19.42 -14.17
CA TRP B 88 -11.10 -19.61 -14.34
C TRP B 88 -10.31 -18.64 -13.48
N GLN B 89 -10.85 -17.45 -13.24
CA GLN B 89 -10.18 -16.45 -12.42
C GLN B 89 -10.14 -16.85 -10.94
N VAL B 90 -11.04 -17.73 -10.50
CA VAL B 90 -10.96 -18.24 -9.14
C VAL B 90 -9.78 -19.21 -9.02
N LEU B 91 -9.73 -20.19 -9.91
CA LEU B 91 -8.73 -21.24 -9.83
C LEU B 91 -7.34 -20.71 -10.16
N CYS B 92 -7.25 -19.71 -11.03
CA CYS B 92 -5.97 -19.09 -11.32
C CYS B 92 -5.43 -18.32 -10.12
N SER B 93 -6.31 -17.79 -9.28
CA SER B 93 -5.91 -16.93 -8.18
C SER B 93 -5.76 -17.65 -6.85
N CYS B 94 -6.36 -18.84 -6.68
CA CYS B 94 -6.28 -19.51 -5.39
C CYS B 94 -4.90 -20.10 -5.13
N PHE B 95 -4.47 -21.07 -5.94
CA PHE B 95 -3.15 -21.59 -5.61
C PHE B 95 -2.08 -20.82 -6.38
N PRO B 96 -0.83 -20.85 -5.90
CA PRO B 96 0.25 -20.19 -6.62
C PRO B 96 0.46 -20.78 -8.00
N PRO B 97 1.01 -20.01 -8.95
CA PRO B 97 1.11 -20.49 -10.33
C PRO B 97 2.13 -21.61 -10.56
N ARG B 98 2.83 -22.06 -9.52
CA ARG B 98 3.62 -23.30 -9.61
C ARG B 98 2.68 -24.47 -9.31
N TRP B 99 1.83 -24.75 -10.28
CA TRP B 99 0.85 -25.82 -10.16
C TRP B 99 1.42 -27.16 -10.60
N TYR B 100 2.34 -27.16 -11.55
CA TYR B 100 2.91 -28.40 -12.07
C TYR B 100 3.92 -29.03 -11.12
N LEU B 101 4.26 -28.37 -10.01
CA LEU B 101 5.24 -28.93 -9.10
C LEU B 101 4.59 -29.93 -8.14
N ALA B 102 3.42 -29.57 -7.60
CA ALA B 102 2.87 -30.23 -6.43
C ALA B 102 2.39 -31.64 -6.74
N LEU B 103 1.52 -31.78 -7.75
CA LEU B 103 1.00 -33.10 -8.10
C LEU B 103 2.08 -34.00 -8.67
N LEU B 104 3.05 -33.42 -9.39
CA LEU B 104 4.17 -34.20 -9.92
C LEU B 104 5.03 -34.75 -8.79
N LEU B 105 5.31 -33.94 -7.77
CA LEU B 105 6.09 -34.44 -6.64
C LEU B 105 5.30 -35.44 -5.80
N VAL B 106 3.97 -35.26 -5.74
CA VAL B 106 3.13 -36.23 -5.05
C VAL B 106 3.17 -37.58 -5.77
N GLY B 107 3.12 -37.55 -7.10
CA GLY B 107 3.23 -38.78 -7.87
C GLY B 107 4.60 -39.40 -7.82
N GLY B 108 5.65 -38.58 -7.71
CA GLY B 108 6.99 -39.12 -7.56
C GLY B 108 7.23 -39.71 -6.19
N SER B 109 6.54 -39.19 -5.16
CA SER B 109 6.68 -39.73 -3.81
C SER B 109 5.85 -40.99 -3.62
N ALA B 110 4.63 -41.02 -4.16
CA ALA B 110 3.74 -42.15 -3.95
C ALA B 110 4.20 -43.36 -4.74
N TYR B 111 4.40 -43.21 -6.04
CA TYR B 111 4.86 -44.30 -6.88
C TYR B 111 6.38 -44.32 -6.99
N LEU B 126 2.54 -38.99 4.16
CA LEU B 126 1.31 -39.69 3.80
C LEU B 126 0.10 -38.90 4.24
N THR B 127 -0.95 -39.62 4.65
CA THR B 127 -2.13 -38.96 5.20
C THR B 127 -1.81 -38.33 6.54
N LEU B 128 -0.85 -38.89 7.27
CA LEU B 128 -0.35 -38.25 8.47
C LEU B 128 0.30 -36.90 8.17
N SER B 129 0.96 -36.79 7.02
CA SER B 129 1.51 -35.51 6.61
C SER B 129 0.42 -34.49 6.30
N CYS B 130 -0.70 -34.95 5.75
CA CYS B 130 -1.85 -34.08 5.54
C CYS B 130 -2.41 -33.60 6.87
N LEU B 131 -2.49 -34.50 7.85
CA LEU B 131 -2.94 -34.13 9.18
C LEU B 131 -2.00 -33.12 9.83
N CYS B 132 -0.70 -33.29 9.58
CA CYS B 132 0.30 -32.36 10.09
C CYS B 132 0.15 -30.98 9.45
N GLN B 133 -0.07 -30.94 8.13
CA GLN B 133 -0.25 -29.68 7.44
C GLN B 133 -1.52 -28.96 7.89
N LEU B 134 -2.58 -29.72 8.16
CA LEU B 134 -3.80 -29.12 8.69
C LEU B 134 -3.58 -28.55 10.08
N LEU B 135 -2.83 -29.27 10.92
CA LEU B 135 -2.50 -28.75 12.24
C LEU B 135 -1.63 -27.51 12.16
N VAL B 136 -0.78 -27.43 11.13
CA VAL B 136 0.01 -26.22 10.93
C VAL B 136 -0.88 -25.05 10.55
N LEU B 137 -1.70 -25.23 9.51
CA LEU B 137 -2.43 -24.10 8.94
C LEU B 137 -3.62 -23.67 9.76
N ALA B 138 -4.17 -24.55 10.59
CA ALA B 138 -5.37 -24.17 11.34
C ALA B 138 -5.01 -23.34 12.57
N LEU B 139 -3.87 -23.61 13.19
CA LEU B 139 -3.55 -22.94 14.44
C LEU B 139 -3.09 -21.51 14.21
N GLY B 140 -2.38 -21.25 13.13
CA GLY B 140 -1.92 -19.91 12.86
C GLY B 140 -0.54 -19.63 13.42
N LEU B 141 0.42 -20.46 13.05
CA LEU B 141 1.81 -20.27 13.46
C LEU B 141 2.69 -19.75 12.34
N GLN B 142 2.13 -19.56 11.14
CA GLN B 142 2.89 -19.00 10.02
C GLN B 142 2.70 -17.48 10.00
N LYS B 143 3.20 -16.85 11.05
CA LYS B 143 3.23 -15.39 11.11
C LYS B 143 4.27 -14.87 10.14
N LEU B 144 3.91 -13.86 9.36
CA LEU B 144 4.87 -13.22 8.49
C LEU B 144 5.74 -12.27 9.29
N SER B 145 7.04 -12.28 9.00
CA SER B 145 7.99 -11.48 9.74
C SER B 145 7.88 -10.02 9.34
N ALA B 146 8.58 -9.18 10.10
CA ALA B 146 8.55 -7.74 9.85
C ALA B 146 9.26 -7.38 8.55
N VAL B 147 10.32 -8.12 8.21
CA VAL B 147 11.07 -7.81 7.00
C VAL B 147 10.26 -8.19 5.76
N GLU B 148 9.48 -9.26 5.84
CA GLU B 148 8.64 -9.64 4.70
C GLU B 148 7.50 -8.65 4.49
N VAL B 149 6.91 -8.17 5.58
CA VAL B 149 5.83 -7.19 5.50
C VAL B 149 6.36 -5.86 4.95
N SER B 150 7.54 -5.43 5.43
CA SER B 150 8.15 -4.22 4.91
C SER B 150 8.56 -4.37 3.44
N GLU B 151 8.97 -5.58 3.04
CA GLU B 151 9.32 -5.82 1.65
C GLU B 151 8.10 -5.76 0.76
N LEU B 152 6.97 -6.28 1.23
CA LEU B 152 5.74 -6.17 0.46
C LEU B 152 5.19 -4.76 0.43
N THR B 153 5.44 -3.96 1.46
CA THR B 153 5.03 -2.56 1.46
C THR B 153 5.87 -1.76 0.47
N GLU B 154 7.19 -1.86 0.56
CA GLU B 154 8.07 -1.13 -0.35
C GLU B 154 8.03 -1.66 -1.77
N SER B 155 7.58 -2.89 -1.99
CA SER B 155 7.61 -3.47 -3.32
C SER B 155 6.50 -2.92 -4.20
N SER B 156 5.25 -3.07 -3.77
CA SER B 156 4.10 -2.74 -4.60
C SER B 156 3.90 -1.22 -4.65
N LYS B 157 3.78 -0.68 -5.85
CA LYS B 157 3.39 0.71 -6.04
C LYS B 157 1.91 0.86 -6.34
N LYS B 158 1.16 -0.23 -6.32
CA LYS B 158 -0.27 -0.20 -6.63
C LYS B 158 -1.10 -0.18 -5.34
N ASN B 159 -0.88 0.87 -4.55
CA ASN B 159 -1.67 1.10 -3.34
C ASN B 159 -2.07 2.56 -3.28
N VAL B 160 -2.48 3.10 -4.43
CA VAL B 160 -2.67 4.53 -4.57
C VAL B 160 -3.96 4.97 -3.89
N ALA B 161 -4.86 4.02 -3.63
CA ALA B 161 -6.21 4.35 -3.21
C ALA B 161 -6.25 4.90 -1.80
N HIS B 162 -5.48 4.33 -0.88
CA HIS B 162 -5.53 4.77 0.51
C HIS B 162 -4.97 6.18 0.67
N GLY B 163 -3.84 6.45 0.00
CA GLY B 163 -3.29 7.79 0.03
C GLY B 163 -4.19 8.81 -0.63
N LEU B 164 -4.82 8.42 -1.74
CA LEU B 164 -5.74 9.33 -2.40
C LEU B 164 -6.97 9.62 -1.54
N ALA B 165 -7.47 8.61 -0.84
CA ALA B 165 -8.65 8.81 0.01
C ALA B 165 -8.31 9.70 1.20
N TRP B 166 -7.15 9.50 1.81
CA TRP B 166 -6.79 10.34 2.94
C TRP B 166 -6.48 11.76 2.50
N SER B 167 -5.90 11.94 1.31
CA SER B 167 -5.65 13.28 0.80
C SER B 167 -6.95 13.99 0.46
N TYR B 168 -7.92 13.26 -0.08
CA TYR B 168 -9.21 13.88 -0.40
C TYR B 168 -10.03 14.12 0.85
N TYR B 169 -9.80 13.37 1.91
CA TYR B 169 -10.54 13.63 3.14
C TYR B 169 -9.98 14.83 3.88
N ILE B 170 -8.66 14.85 4.09
CA ILE B 170 -8.08 15.88 4.94
C ILE B 170 -8.01 17.21 4.22
N GLY B 171 -7.50 17.21 2.99
CA GLY B 171 -7.21 18.46 2.30
C GLY B 171 -8.44 19.19 1.82
N TYR B 172 -9.56 18.49 1.65
CA TYR B 172 -10.74 19.10 1.08
C TYR B 172 -11.96 19.02 1.99
N LEU B 173 -12.28 17.82 2.49
CA LEU B 173 -13.61 17.61 3.04
C LEU B 173 -13.74 18.15 4.46
N LYS B 174 -12.68 18.05 5.26
CA LYS B 174 -12.77 18.43 6.67
C LYS B 174 -12.89 19.94 6.85
N VAL B 175 -12.52 20.72 5.84
CA VAL B 175 -12.70 22.16 5.89
C VAL B 175 -13.99 22.59 5.22
N VAL B 176 -14.33 21.98 4.09
CA VAL B 176 -15.49 22.42 3.30
C VAL B 176 -16.79 22.00 3.99
N LEU B 177 -16.84 20.76 4.48
CA LEU B 177 -18.08 20.22 5.02
C LEU B 177 -18.68 20.91 6.25
N PRO B 178 -17.92 21.41 7.25
CA PRO B 178 -18.62 22.08 8.36
C PRO B 178 -19.21 23.42 7.99
N ARG B 179 -18.62 24.14 7.03
CA ARG B 179 -19.14 25.44 6.65
C ARG B 179 -20.32 25.37 5.71
N LEU B 180 -20.65 24.17 5.20
CA LEU B 180 -21.63 24.08 4.13
C LEU B 180 -23.05 24.26 4.64
N LYS B 181 -23.33 23.79 5.86
CA LYS B 181 -24.66 24.03 6.42
C LYS B 181 -24.84 25.50 6.77
N GLU B 182 -23.76 26.19 7.16
CA GLU B 182 -23.84 27.63 7.38
C GLU B 182 -24.08 28.37 6.08
N CYS B 183 -23.43 27.93 5.00
CA CYS B 183 -23.69 28.54 3.70
C CYS B 183 -25.10 28.25 3.22
N MET B 184 -25.63 27.07 3.54
CA MET B 184 -27.00 26.72 3.19
C MET B 184 -28.01 27.58 3.95
N GLU B 185 -27.76 27.82 5.23
CA GLU B 185 -28.61 28.74 5.99
C GLU B 185 -28.45 30.18 5.53
N GLU B 186 -27.27 30.55 5.04
CA GLU B 186 -27.07 31.89 4.52
C GLU B 186 -27.77 32.08 3.18
N LEU B 187 -27.91 31.01 2.40
CA LEU B 187 -28.62 31.11 1.13
C LEU B 187 -30.12 31.25 1.34
N SER B 188 -30.62 30.77 2.47
CA SER B 188 -32.04 30.90 2.80
C SER B 188 -32.36 32.29 3.32
N TRP B 201 -30.09 20.90 3.02
CA TRP B 201 -29.73 19.59 2.47
C TRP B 201 -28.27 19.25 2.81
N LYS B 202 -27.66 18.39 1.98
CA LYS B 202 -26.30 17.93 2.23
C LYS B 202 -25.57 17.77 0.91
N LEU B 203 -24.25 17.70 0.99
CA LEU B 203 -23.40 17.61 -0.18
C LEU B 203 -23.51 16.24 -0.82
N HIS B 204 -23.45 16.20 -2.15
CA HIS B 204 -23.47 14.96 -2.91
C HIS B 204 -22.15 14.82 -3.67
N ILE B 205 -21.49 13.68 -3.46
CA ILE B 205 -20.21 13.39 -4.09
C ILE B 205 -20.46 12.32 -5.13
N LEU B 206 -20.11 12.61 -6.38
CA LEU B 206 -20.19 11.61 -7.44
C LEU B 206 -18.97 10.73 -7.42
N VAL B 207 -19.18 9.43 -7.41
CA VAL B 207 -18.07 8.49 -7.50
C VAL B 207 -18.24 7.66 -8.76
N PRO B 208 -17.76 8.12 -9.91
CA PRO B 208 -17.81 7.28 -11.11
C PRO B 208 -16.67 6.29 -11.12
N LEU B 209 -17.01 5.02 -11.29
CA LEU B 209 -15.99 3.98 -11.39
C LEU B 209 -15.54 3.75 -12.82
N GLY B 210 -15.98 4.60 -13.74
CA GLY B 210 -15.52 4.53 -15.12
C GLY B 210 -14.24 5.30 -15.33
N CYS B 211 -14.17 6.06 -16.40
CA CYS B 211 -12.94 6.76 -16.72
C CYS B 211 -13.15 8.25 -16.99
N ASP B 212 -14.23 8.62 -17.66
CA ASP B 212 -14.43 10.00 -18.09
C ASP B 212 -15.01 10.82 -16.94
N ILE B 213 -14.26 11.82 -16.50
CA ILE B 213 -14.72 12.72 -15.46
C ILE B 213 -15.09 14.09 -16.03
N TRP B 214 -14.51 14.49 -17.16
CA TRP B 214 -14.68 15.81 -17.74
C TRP B 214 -16.08 16.05 -18.31
N ASP B 215 -16.96 15.06 -18.26
CA ASP B 215 -18.38 15.26 -18.58
C ASP B 215 -18.98 16.20 -17.55
N ASP B 216 -19.26 17.43 -17.96
CA ASP B 216 -19.91 18.38 -17.07
C ASP B 216 -21.36 17.97 -16.82
N LEU B 217 -21.86 18.35 -15.66
CA LEU B 217 -23.17 17.86 -15.23
C LEU B 217 -24.30 18.50 -16.02
N GLU B 218 -24.12 19.74 -16.47
CA GLU B 218 -25.06 20.29 -17.43
C GLU B 218 -24.84 19.71 -18.82
N LYS B 219 -23.64 19.20 -19.11
CA LYS B 219 -23.34 18.67 -20.43
C LYS B 219 -23.63 17.19 -20.56
N ALA B 220 -23.33 16.40 -19.52
CA ALA B 220 -23.61 14.97 -19.56
C ALA B 220 -25.11 14.71 -19.38
N ASP B 221 -25.66 15.15 -18.26
CA ASP B 221 -27.08 15.00 -18.02
C ASP B 221 -27.82 16.23 -18.55
N SER B 222 -28.96 15.98 -19.18
CA SER B 222 -29.73 17.05 -19.79
C SER B 222 -30.63 17.78 -18.80
N ASN B 223 -31.17 17.08 -17.80
CA ASN B 223 -32.13 17.70 -16.91
C ASN B 223 -31.49 18.58 -15.85
N ILE B 224 -30.17 18.57 -15.74
CA ILE B 224 -29.47 19.37 -14.75
C ILE B 224 -29.39 20.80 -15.22
N GLN B 225 -29.85 21.73 -14.39
CA GLN B 225 -29.79 23.15 -14.65
C GLN B 225 -29.04 23.82 -13.50
N TYR B 226 -28.08 24.67 -13.84
CA TYR B 226 -27.30 25.37 -12.84
C TYR B 226 -28.13 26.47 -12.18
N LEU B 227 -27.91 26.67 -10.88
CA LEU B 227 -28.62 27.73 -10.18
C LEU B 227 -27.70 28.84 -9.68
N ALA B 228 -26.74 28.54 -8.80
CA ALA B 228 -26.01 29.58 -8.09
C ALA B 228 -24.79 28.97 -7.41
N ASP B 229 -24.05 29.79 -6.69
CA ASP B 229 -22.88 29.39 -5.92
C ASP B 229 -23.09 29.71 -4.45
N LEU B 230 -22.06 29.45 -3.65
CA LEU B 230 -22.11 29.69 -2.20
C LEU B 230 -20.73 30.14 -1.73
N PRO B 231 -20.53 31.44 -1.46
CA PRO B 231 -19.23 31.95 -1.01
C PRO B 231 -18.89 31.57 0.42
N TYR B 245 -13.19 26.91 -4.57
CA TYR B 245 -14.26 26.40 -3.73
C TYR B 245 -15.60 26.49 -4.44
N LYS B 246 -15.66 25.87 -5.62
CA LYS B 246 -16.88 25.90 -6.41
C LYS B 246 -17.94 24.99 -5.80
N HIS B 247 -19.18 25.48 -5.77
CA HIS B 247 -20.30 24.73 -5.23
C HIS B 247 -21.53 25.06 -6.07
N SER B 248 -21.87 24.17 -6.98
CA SER B 248 -22.85 24.44 -8.02
C SER B 248 -24.18 23.83 -7.63
N LEU B 249 -25.09 24.66 -7.12
CA LEU B 249 -26.47 24.23 -6.88
C LEU B 249 -27.14 23.88 -8.20
N TYR B 250 -27.75 22.71 -8.26
CA TYR B 250 -28.36 22.20 -9.47
C TYR B 250 -29.83 21.88 -9.23
N VAL B 251 -30.58 21.81 -10.31
CA VAL B 251 -31.98 21.39 -10.28
C VAL B 251 -32.19 20.41 -11.44
N ILE B 252 -32.75 19.25 -11.12
CA ILE B 252 -32.94 18.19 -12.10
C ILE B 252 -34.43 18.07 -12.41
N ARG B 253 -34.78 18.15 -13.69
CA ARG B 253 -36.16 17.99 -14.11
C ARG B 253 -36.55 16.53 -14.14
N LEU B 259 -37.75 17.44 -11.12
CA LEU B 259 -37.69 18.84 -10.72
C LEU B 259 -37.38 18.96 -9.24
N ARG B 260 -36.11 18.75 -8.88
CA ARG B 260 -35.67 18.75 -7.50
C ARG B 260 -34.32 19.45 -7.39
N PRO B 261 -34.08 20.19 -6.31
CA PRO B 261 -32.79 20.86 -6.13
C PRO B 261 -31.80 19.96 -5.42
N CYS B 262 -30.51 20.25 -5.65
CA CYS B 262 -29.43 19.39 -5.18
C CYS B 262 -28.13 20.17 -5.13
N VAL B 263 -27.20 19.67 -4.30
CA VAL B 263 -25.84 20.21 -4.21
C VAL B 263 -24.90 19.10 -4.64
N LEU B 264 -24.30 19.26 -5.81
CA LEU B 264 -23.62 18.17 -6.50
C LEU B 264 -22.17 18.55 -6.77
N GLU B 265 -21.28 17.57 -6.66
CA GLU B 265 -19.87 17.78 -7.00
C GLU B 265 -19.25 16.44 -7.36
N PHE B 266 -18.30 16.45 -8.28
CA PHE B 266 -17.50 15.27 -8.51
C PHE B 266 -16.48 15.08 -7.40
N ALA B 267 -15.95 13.86 -7.33
CA ALA B 267 -14.78 13.57 -6.54
C ALA B 267 -13.57 13.86 -7.41
N SER B 268 -12.71 14.76 -6.95
CA SER B 268 -11.55 15.16 -7.73
C SER B 268 -10.53 14.06 -8.05
N PRO B 269 -10.00 13.26 -7.11
CA PRO B 269 -8.75 12.55 -7.39
C PRO B 269 -8.88 11.39 -8.36
N LEU B 270 -10.10 11.04 -8.78
CA LEU B 270 -10.27 10.08 -9.87
C LEU B 270 -9.66 10.60 -11.16
N GLN B 271 -9.63 11.92 -11.34
CA GLN B 271 -8.90 12.50 -12.47
C GLN B 271 -7.42 12.19 -12.38
N THR B 272 -6.90 12.09 -11.15
CA THR B 272 -5.57 11.53 -10.92
C THR B 272 -5.46 10.13 -11.51
N LEU B 273 -6.45 9.29 -11.22
CA LEU B 273 -6.50 7.98 -11.85
C LEU B 273 -6.84 8.07 -13.33
N CYS B 274 -7.42 9.18 -13.78
CA CYS B 274 -7.57 9.38 -15.21
C CYS B 274 -6.26 9.86 -15.84
N ALA B 275 -5.34 10.38 -15.05
CA ALA B 275 -4.08 10.85 -15.61
C ALA B 275 -2.97 9.83 -15.51
N MET B 276 -3.06 8.87 -14.60
CA MET B 276 -2.06 7.81 -14.53
C MET B 276 -2.22 6.78 -15.63
N SER B 277 -3.31 6.85 -16.40
CA SER B 277 -3.58 5.90 -17.47
C SER B 277 -3.29 6.45 -18.85
N GLN B 278 -3.88 7.59 -19.21
CA GLN B 278 -3.78 8.11 -20.57
C GLN B 278 -2.44 8.78 -20.86
N ASP B 279 -1.74 9.26 -19.83
CA ASP B 279 -0.42 9.84 -20.07
C ASP B 279 0.60 8.76 -20.40
N ASP B 280 0.61 7.69 -19.60
CA ASP B 280 1.44 6.49 -19.79
C ASP B 280 2.92 6.84 -19.83
N CYS B 281 3.37 7.62 -18.84
CA CYS B 281 4.81 7.74 -18.61
C CYS B 281 5.31 6.63 -17.70
N ALA B 282 4.44 6.11 -16.85
CA ALA B 282 4.69 4.89 -16.09
C ALA B 282 3.55 3.91 -16.36
N ALA B 283 3.84 2.62 -16.16
CA ALA B 283 2.94 1.56 -16.60
C ALA B 283 1.72 1.47 -15.68
N PHE B 284 0.54 1.36 -16.29
CA PHE B 284 -0.72 1.25 -15.58
C PHE B 284 -1.75 0.69 -16.54
N SER B 285 -2.75 -0.02 -16.02
CA SER B 285 -3.76 -0.63 -16.88
C SER B 285 -5.15 -0.27 -16.40
N ARG B 286 -6.14 -0.56 -17.25
CA ARG B 286 -7.50 -0.12 -17.00
C ARG B 286 -8.19 -0.98 -15.95
N GLU B 287 -7.90 -2.28 -15.93
CA GLU B 287 -8.38 -3.13 -14.86
C GLU B 287 -7.79 -2.71 -13.53
N GLN B 288 -6.56 -2.21 -13.53
CA GLN B 288 -5.99 -1.63 -12.32
C GLN B 288 -6.68 -0.34 -11.96
N ARG B 289 -7.11 0.46 -12.95
CA ARG B 289 -7.89 1.66 -12.67
C ARG B 289 -9.21 1.31 -12.00
N LEU B 290 -9.86 0.25 -12.47
CA LEU B 290 -11.13 -0.15 -11.86
C LEU B 290 -10.95 -0.67 -10.45
N GLU B 291 -9.92 -1.50 -10.22
CA GLU B 291 -9.68 -2.04 -8.89
C GLU B 291 -9.29 -0.95 -7.91
N GLN B 292 -8.46 0.01 -8.37
CA GLN B 292 -8.08 1.12 -7.51
C GLN B 292 -9.24 2.05 -7.22
N ALA B 293 -10.16 2.22 -8.18
CA ALA B 293 -11.32 3.06 -7.92
C ALA B 293 -12.27 2.41 -6.93
N ARG B 294 -12.43 1.08 -7.03
CA ARG B 294 -13.25 0.37 -6.06
C ARG B 294 -12.65 0.44 -4.67
N LEU B 295 -11.33 0.29 -4.58
CA LEU B 295 -10.65 0.40 -3.29
C LEU B 295 -10.73 1.81 -2.73
N PHE B 296 -10.69 2.82 -3.61
CA PHE B 296 -10.81 4.21 -3.16
C PHE B 296 -12.21 4.48 -2.60
N TYR B 297 -13.23 3.97 -3.28
CA TYR B 297 -14.59 4.15 -2.77
C TYR B 297 -14.77 3.41 -1.44
N ARG B 298 -14.17 2.23 -1.31
CA ARG B 298 -14.23 1.49 -0.06
C ARG B 298 -13.55 2.23 1.07
N SER B 299 -12.39 2.82 0.79
CA SER B 299 -11.64 3.53 1.83
C SER B 299 -12.35 4.82 2.23
N LEU B 300 -12.91 5.54 1.27
CA LEU B 300 -13.62 6.77 1.60
C LEU B 300 -14.90 6.48 2.36
N ARG B 301 -15.58 5.38 2.01
CA ARG B 301 -16.76 4.97 2.77
C ARG B 301 -16.41 4.60 4.20
N ASP B 302 -15.32 3.84 4.39
CA ASP B 302 -14.93 3.41 5.72
C ASP B 302 -14.46 4.58 6.57
N ILE B 303 -13.82 5.57 5.96
CA ILE B 303 -13.39 6.75 6.71
C ILE B 303 -14.59 7.58 7.11
N LEU B 304 -15.45 7.91 6.14
CA LEU B 304 -16.56 8.81 6.43
C LEU B 304 -17.68 8.16 7.23
N GLY B 305 -17.71 6.83 7.32
CA GLY B 305 -18.62 6.20 8.24
C GLY B 305 -18.21 6.42 9.69
N SER B 306 -16.92 6.62 9.92
CA SER B 306 -16.40 6.91 11.25
C SER B 306 -16.02 8.37 11.38
N SER B 307 -16.51 9.20 10.46
CA SER B 307 -16.26 10.64 10.51
C SER B 307 -17.01 11.24 11.68
N LYS B 308 -16.30 12.02 12.49
CA LYS B 308 -16.90 12.53 13.73
C LYS B 308 -17.86 13.66 13.43
N GLU B 309 -17.37 14.74 12.83
CA GLU B 309 -18.21 15.90 12.56
C GLU B 309 -18.97 15.80 11.25
N CYS B 310 -18.58 14.88 10.37
CA CYS B 310 -19.23 14.77 9.07
C CYS B 310 -20.29 13.69 9.03
N ALA B 311 -21.02 13.48 10.12
CA ALA B 311 -21.94 12.34 10.19
C ALA B 311 -23.19 12.53 9.34
N GLY B 312 -23.64 13.76 9.13
CA GLY B 312 -24.88 13.96 8.39
C GLY B 312 -24.80 15.06 7.36
N LEU B 313 -23.62 15.27 6.78
CA LEU B 313 -23.42 16.35 5.84
C LEU B 313 -23.14 15.86 4.43
N TYR B 314 -23.28 14.56 4.18
CA TYR B 314 -22.82 13.99 2.92
C TYR B 314 -23.62 12.74 2.60
N ARG B 315 -23.50 12.30 1.36
CA ARG B 315 -23.99 10.98 0.95
C ARG B 315 -23.25 10.58 -0.31
N LEU B 316 -22.47 9.51 -0.24
CA LEU B 316 -21.73 9.05 -1.39
C LEU B 316 -22.64 8.35 -2.39
N ILE B 317 -22.38 8.59 -3.67
CA ILE B 317 -23.13 8.00 -4.75
C ILE B 317 -22.14 7.36 -5.71
N ALA B 318 -22.18 6.04 -5.83
CA ALA B 318 -21.26 5.30 -6.67
C ALA B 318 -22.03 4.59 -7.76
N TYR B 319 -21.46 4.59 -8.97
CA TYR B 319 -22.14 3.99 -10.10
C TYR B 319 -21.11 3.50 -11.10
N GLU B 320 -21.61 2.98 -12.21
CA GLU B 320 -20.80 2.53 -13.33
C GLU B 320 -21.65 2.61 -14.59
N GLU B 321 -21.05 2.26 -15.71
CA GLU B 321 -21.73 2.38 -16.99
C GLU B 321 -21.46 1.16 -17.85
N PHE B 329 -30.01 7.02 -18.44
CA PHE B 329 -29.11 8.16 -18.34
C PHE B 329 -28.33 8.12 -17.02
N LEU B 330 -28.32 9.25 -16.32
CA LEU B 330 -27.61 9.39 -15.06
C LEU B 330 -28.45 10.06 -13.97
N SER B 331 -29.43 10.88 -14.33
CA SER B 331 -30.15 11.68 -13.37
C SER B 331 -31.13 10.86 -12.54
N GLY B 332 -31.58 9.73 -13.07
CA GLY B 332 -32.52 8.89 -12.34
C GLY B 332 -31.91 8.25 -11.12
N LEU B 333 -30.61 7.97 -11.18
CA LEU B 333 -29.89 7.49 -10.00
C LEU B 333 -29.89 8.56 -8.90
N ILE B 334 -29.72 9.81 -9.31
CA ILE B 334 -29.74 10.91 -8.34
C ILE B 334 -31.14 11.07 -7.78
N LEU B 335 -32.16 10.84 -8.61
CA LEU B 335 -33.52 10.86 -8.14
C LEU B 335 -33.80 9.73 -7.14
N TRP B 336 -33.22 8.56 -7.38
CA TRP B 336 -33.42 7.44 -6.46
C TRP B 336 -32.72 7.70 -5.14
N HIS B 337 -31.54 8.30 -5.17
CA HIS B 337 -30.84 8.64 -3.93
C HIS B 337 -31.58 9.73 -3.16
N LEU B 338 -32.14 10.72 -3.88
CA LEU B 338 -32.91 11.75 -3.20
C LEU B 338 -34.20 11.19 -2.63
N GLN B 339 -34.82 10.24 -3.33
CA GLN B 339 -36.05 9.62 -2.82
C GLN B 339 -35.75 8.75 -1.61
N GLN B 340 -34.60 8.07 -1.63
CA GLN B 340 -34.21 7.26 -0.48
C GLN B 340 -33.86 8.13 0.71
N GLN B 341 -33.23 9.27 0.47
CA GLN B 341 -32.95 10.20 1.57
C GLN B 341 -34.23 10.82 2.11
N GLN B 342 -35.19 11.10 1.23
CA GLN B 342 -36.47 11.65 1.65
C GLN B 342 -37.25 10.63 2.47
N ARG B 343 -37.22 9.36 2.06
CA ARG B 343 -37.88 8.32 2.84
C ARG B 343 -37.15 8.05 4.15
N GLU B 344 -35.82 8.21 4.16
CA GLU B 344 -35.07 8.08 5.39
C GLU B 344 -35.33 9.23 6.33
N GLU B 345 -35.70 10.40 5.80
CA GLU B 345 -36.16 11.48 6.65
C GLU B 345 -37.49 11.15 7.31
N TYR B 346 -38.31 10.34 6.65
CA TYR B 346 -39.55 9.87 7.23
C TYR B 346 -39.31 8.57 7.99
#